data_6JDC
#
_entry.id   6JDC
#
_cell.length_a   91.102
_cell.length_b   91.102
_cell.length_c   184.033
_cell.angle_alpha   90.000
_cell.angle_beta   90.000
_cell.angle_gamma   90.000
#
_symmetry.space_group_name_H-M   'I 41 2 2'
#
loop_
_entity.id
_entity.type
_entity.pdbx_description
1 polymer 'N-acetylmannosamine kinase'
2 non-polymer 2-acetamido-2-deoxy-alpha-D-mannopyranose
3 non-polymer 'ZINC ION'
4 water water
#
_entity_poly.entity_id   1
_entity_poly.type   'polypeptide(L)'
_entity_poly.pdbx_seq_one_letter_code
;MRCLALDIGGTKIAAAIVKNGEIEQRQQIHTPRENVVEGMHQALGKLLADYEGQFDYVAVASTGIINNGILSALNPKNLG
GLAEFPLKASIAKHTDKPIGLLNDAQAATYAEYQLQNFEQVSNFVFITVSTGVGGGIVLNQILQTGSRGIAGHIGHTLAD
PNGAICGCGRRGCVEAIASGRAIEAVSSQWEDPCDPKEVFERFRKNDEKATALVERSAKAIANLIADLVISLDIQKIAIG
GSVGLAEGYLSLVEKYLQDFPSIYCCEIETAKFGQDAGLIGAAYWVKDVL
;
_entity_poly.pdbx_strand_id   A
#
loop_
_chem_comp.id
_chem_comp.type
_chem_comp.name
_chem_comp.formula
BM3 D-saccharide, alpha linking 2-acetamido-2-deoxy-alpha-D-mannopyranose 'C8 H15 N O6'
ZN non-polymer 'ZINC ION' 'Zn 2'
#
# COMPACT_ATOMS: atom_id res chain seq x y z
N MET A 1 -13.02 -17.25 8.48
CA MET A 1 -13.71 -16.89 9.71
C MET A 1 -14.26 -15.45 9.69
N ARG A 2 -14.18 -14.78 10.84
CA ARG A 2 -14.73 -13.43 11.01
C ARG A 2 -13.60 -12.47 11.36
N CYS A 3 -13.35 -11.51 10.49
CA CYS A 3 -12.18 -10.64 10.62
C CYS A 3 -12.58 -9.18 10.67
N LEU A 4 -11.93 -8.42 11.55
CA LEU A 4 -11.98 -6.97 11.52
C LEU A 4 -10.72 -6.47 10.83
N ALA A 5 -10.91 -5.82 9.68
CA ALA A 5 -9.82 -5.34 8.83
C ALA A 5 -9.71 -3.82 8.94
N LEU A 6 -8.50 -3.31 9.15
CA LEU A 6 -8.25 -1.88 9.10
C LEU A 6 -7.23 -1.59 8.00
N ASP A 7 -7.45 -0.52 7.26
CA ASP A 7 -6.53 -0.11 6.20
C ASP A 7 -6.19 1.34 6.48
N ILE A 8 -5.11 1.55 7.19
CA ILE A 8 -4.68 2.87 7.60
C ILE A 8 -3.80 3.44 6.50
N GLY A 9 -4.25 4.53 5.89
CA GLY A 9 -3.49 5.23 4.88
C GLY A 9 -3.25 6.67 5.29
N GLY A 10 -2.40 7.35 4.52
CA GLY A 10 -2.02 8.70 4.88
C GLY A 10 -3.12 9.72 4.77
N THR A 11 -4.19 9.37 4.15
CA THR A 11 -5.29 10.24 3.82
C THR A 11 -6.63 9.72 4.32
N LYS A 12 -6.82 8.40 4.32
CA LYS A 12 -8.07 7.73 4.70
C LYS A 12 -7.75 6.55 5.60
N ILE A 13 -8.62 6.29 6.56
CA ILE A 13 -8.64 5.01 7.25
C ILE A 13 -9.92 4.29 6.82
N ALA A 14 -9.79 3.07 6.35
CA ALA A 14 -10.93 2.21 6.09
C ALA A 14 -11.04 1.14 7.16
N ALA A 15 -12.22 0.52 7.23
CA ALA A 15 -12.49 -0.52 8.21
C ALA A 15 -13.70 -1.31 7.71
N ALA A 16 -13.72 -2.60 8.02
CA ALA A 16 -14.80 -3.46 7.53
C ALA A 16 -14.69 -4.80 8.25
N ILE A 17 -15.74 -5.61 8.11
CA ILE A 17 -15.70 -6.99 8.56
C ILE A 17 -15.55 -7.86 7.33
N VAL A 18 -14.40 -8.52 7.21
CA VAL A 18 -14.23 -9.57 6.24
C VAL A 18 -14.77 -10.85 6.87
N LYS A 19 -15.81 -11.41 6.27
CA LYS A 19 -16.39 -12.67 6.72
C LYS A 19 -16.47 -13.59 5.52
N ASN A 20 -15.86 -14.77 5.63
CA ASN A 20 -15.79 -15.73 4.52
C ASN A 20 -15.36 -15.05 3.23
N GLY A 21 -14.49 -14.05 3.33
CA GLY A 21 -13.91 -13.40 2.18
C GLY A 21 -14.65 -12.17 1.70
N GLU A 22 -15.85 -11.90 2.20
CA GLU A 22 -16.66 -10.79 1.74
C GLU A 22 -16.57 -9.60 2.70
N ILE A 23 -16.55 -8.38 2.13
CA ILE A 23 -16.52 -7.14 2.91
C ILE A 23 -17.95 -6.73 3.26
N GLU A 24 -18.18 -6.47 4.54
CA GLU A 24 -19.52 -6.15 4.99
C GLU A 24 -19.68 -4.68 5.34
N GLN A 25 -19.17 -4.27 6.48
CA GLN A 25 -19.69 -3.05 7.13
C GLN A 25 -18.76 -1.88 6.96
N ARG A 26 -18.35 -1.66 5.71
CA ARG A 26 -17.30 -0.71 5.38
C ARG A 26 -17.55 0.66 6.01
N GLN A 27 -16.47 1.23 6.56
CA GLN A 27 -16.40 2.62 6.96
C GLN A 27 -15.14 3.24 6.38
N GLN A 28 -15.10 4.56 6.37
CA GLN A 28 -13.95 5.29 5.83
C GLN A 28 -13.91 6.66 6.46
N ILE A 29 -12.92 6.93 7.29
CA ILE A 29 -12.81 8.20 8.01
C ILE A 29 -11.49 8.87 7.62
N HIS A 30 -11.47 10.19 7.68
CA HIS A 30 -10.25 10.93 7.34
C HIS A 30 -9.12 10.51 8.26
N THR A 31 -7.93 10.42 7.73
CA THR A 31 -6.80 10.20 8.61
C THR A 31 -6.42 11.54 9.24
N PRO A 32 -6.26 11.60 10.56
CA PRO A 32 -5.99 12.88 11.25
C PRO A 32 -4.85 13.66 10.59
N ARG A 33 -5.08 14.95 10.37
CA ARG A 33 -4.06 15.83 9.80
C ARG A 33 -3.36 16.66 10.86
N GLU A 34 -3.85 16.64 12.08
CA GLU A 34 -3.31 17.46 13.16
C GLU A 34 -3.73 16.80 14.46
N ASN A 35 -2.92 16.96 15.49
CA ASN A 35 -3.12 16.22 16.74
C ASN A 35 -3.12 14.74 16.45
N VAL A 36 -2.10 14.30 15.70
CA VAL A 36 -2.21 13.04 15.01
C VAL A 36 -2.16 11.87 15.99
N VAL A 37 -1.29 11.95 17.01
CA VAL A 37 -1.18 10.85 17.97
C VAL A 37 -2.49 10.71 18.73
N GLU A 38 -2.97 11.82 19.28
CA GLU A 38 -4.27 11.80 19.92
C GLU A 38 -5.34 11.34 18.95
N GLY A 39 -5.27 11.80 17.70
CA GLY A 39 -6.29 11.45 16.72
C GLY A 39 -6.27 9.98 16.34
N MET A 40 -5.08 9.40 16.20
CA MET A 40 -5.02 7.98 15.83
C MET A 40 -5.60 7.11 16.94
N HIS A 41 -5.41 7.51 18.20
CA HIS A 41 -5.94 6.75 19.32
C HIS A 41 -7.46 6.83 19.38
N GLN A 42 -8.02 8.03 19.21
CA GLN A 42 -9.47 8.20 19.19
C GLN A 42 -10.10 7.46 18.01
N ALA A 43 -9.47 7.49 16.84
CA ALA A 43 -10.04 6.81 15.68
C ALA A 43 -10.04 5.29 15.87
N LEU A 44 -8.92 4.75 16.36
CA LEU A 44 -8.85 3.32 16.58
C LEU A 44 -9.85 2.88 17.63
N GLY A 45 -10.01 3.66 18.70
CA GLY A 45 -10.94 3.28 19.73
C GLY A 45 -12.37 3.34 19.26
N LYS A 46 -12.73 4.42 18.55
CA LYS A 46 -14.03 4.49 17.90
C LYS A 46 -14.27 3.27 17.01
N LEU A 47 -13.39 3.03 16.03
CA LEU A 47 -13.59 1.93 15.09
C LEU A 47 -13.71 0.60 15.82
N LEU A 48 -12.97 0.43 16.92
CA LEU A 48 -13.06 -0.84 17.63
C LEU A 48 -14.35 -0.95 18.44
N ALA A 49 -14.87 0.18 18.94
CA ALA A 49 -16.19 0.18 19.54
C ALA A 49 -17.25 -0.24 18.52
N ASP A 50 -17.22 0.35 17.32
CA ASP A 50 -18.23 0.09 16.30
C ASP A 50 -18.37 -1.39 15.97
N TYR A 51 -17.27 -2.12 15.91
CA TYR A 51 -17.32 -3.51 15.50
C TYR A 51 -17.25 -4.47 16.67
N GLU A 52 -17.55 -3.98 17.87
CA GLU A 52 -17.44 -4.79 19.07
C GLU A 52 -18.23 -6.10 18.93
N GLY A 53 -17.58 -7.21 19.26
CA GLY A 53 -18.23 -8.49 19.35
C GLY A 53 -18.55 -9.18 18.03
N GLN A 54 -17.99 -8.71 16.92
CA GLN A 54 -18.28 -9.30 15.62
C GLN A 54 -17.08 -9.91 14.94
N PHE A 55 -15.91 -9.97 15.60
CA PHE A 55 -14.70 -10.46 14.98
C PHE A 55 -13.99 -11.46 15.88
N ASP A 56 -13.35 -12.43 15.25
CA ASP A 56 -12.42 -13.31 15.94
C ASP A 56 -11.02 -12.70 16.03
N TYR A 57 -10.66 -11.86 15.06
CA TYR A 57 -9.32 -11.30 15.05
C TYR A 57 -9.33 -9.94 14.38
N VAL A 58 -8.21 -9.24 14.51
CA VAL A 58 -7.99 -7.94 13.91
C VAL A 58 -6.81 -8.03 12.96
N ALA A 59 -7.01 -7.66 11.69
CA ALA A 59 -5.95 -7.58 10.70
C ALA A 59 -5.76 -6.13 10.29
N VAL A 60 -4.54 -5.61 10.39
CA VAL A 60 -4.27 -4.21 10.14
C VAL A 60 -3.32 -4.09 8.95
N ALA A 61 -3.78 -3.39 7.89
CA ALA A 61 -2.96 -3.03 6.75
C ALA A 61 -2.63 -1.54 6.88
N SER A 62 -1.36 -1.23 7.13
CA SER A 62 -0.98 0.12 7.53
C SER A 62 0.13 0.63 6.63
N THR A 63 -0.06 1.84 6.11
CA THR A 63 1.04 2.63 5.57
C THR A 63 2.17 2.68 6.59
N GLY A 64 3.40 2.74 6.09
CA GLY A 64 4.55 2.78 6.96
C GLY A 64 5.19 1.42 7.13
N ILE A 65 6.36 1.43 7.78
CA ILE A 65 7.09 0.20 8.07
C ILE A 65 6.58 -0.41 9.36
N ILE A 66 6.10 -1.65 9.27
CA ILE A 66 5.41 -2.31 10.37
C ILE A 66 6.27 -3.45 10.84
N ASN A 67 6.75 -3.33 12.08
CA ASN A 67 7.65 -4.28 12.70
C ASN A 67 7.37 -4.20 14.19
N ASN A 68 7.03 -5.35 14.80
CA ASN A 68 6.80 -5.45 16.25
C ASN A 68 5.65 -4.56 16.72
N GLY A 69 4.51 -4.63 16.02
CA GLY A 69 3.37 -3.83 16.41
C GLY A 69 3.54 -2.33 16.34
N ILE A 70 4.68 -1.85 15.83
CA ILE A 70 4.99 -0.43 15.77
C ILE A 70 4.97 0.01 14.32
N LEU A 71 4.22 1.07 14.06
CA LEU A 71 4.27 1.75 12.78
C LEU A 71 5.41 2.75 12.79
N SER A 72 6.40 2.55 11.91
CA SER A 72 7.46 3.52 11.66
C SER A 72 7.22 4.16 10.30
N ALA A 73 7.18 5.48 10.27
CA ALA A 73 6.91 6.20 9.05
C ALA A 73 8.21 6.39 8.31
N LEU A 74 8.33 5.77 7.14
CA LEU A 74 9.43 6.14 6.26
C LEU A 74 9.27 7.58 5.78
N ASN A 75 8.05 7.95 5.36
CA ASN A 75 7.71 9.32 5.00
C ASN A 75 6.72 9.86 6.02
N PRO A 76 7.18 10.53 7.07
CA PRO A 76 6.23 11.06 8.08
C PRO A 76 5.20 12.01 7.49
N LYS A 77 5.54 12.68 6.38
CA LYS A 77 4.59 13.57 5.71
C LYS A 77 3.34 12.85 5.22
N ASN A 78 3.36 11.54 5.07
CA ASN A 78 2.10 10.90 4.73
C ASN A 78 1.17 10.81 5.94
N LEU A 79 1.74 10.65 7.14
CA LEU A 79 0.97 10.51 8.37
C LEU A 79 0.89 11.83 9.13
N GLY A 80 0.64 12.91 8.42
CA GLY A 80 0.47 14.20 9.08
C GLY A 80 1.62 14.58 9.99
N GLY A 81 2.85 14.34 9.54
CA GLY A 81 4.01 14.69 10.32
C GLY A 81 4.39 13.69 11.38
N LEU A 82 3.56 12.69 11.63
CA LEU A 82 3.86 11.68 12.65
C LEU A 82 5.04 10.79 12.27
N ALA A 83 5.90 10.51 13.24
CA ALA A 83 7.07 9.67 13.01
C ALA A 83 6.83 8.21 13.34
N GLU A 84 5.94 7.92 14.26
CA GLU A 84 5.88 6.60 14.87
C GLU A 84 4.61 6.52 15.69
N PHE A 85 4.00 5.33 15.72
CA PHE A 85 2.77 5.19 16.48
C PHE A 85 2.71 3.77 17.03
N PRO A 86 2.30 3.61 18.27
CA PRO A 86 2.23 2.26 18.90
C PRO A 86 0.94 1.56 18.48
N LEU A 87 0.96 1.08 17.23
CA LEU A 87 -0.26 0.70 16.52
C LEU A 87 -0.93 -0.52 17.16
N LYS A 88 -0.18 -1.61 17.37
CA LYS A 88 -0.81 -2.79 17.94
C LYS A 88 -1.24 -2.55 19.39
N ALA A 89 -0.37 -1.95 20.19
CA ALA A 89 -0.73 -1.64 21.57
C ALA A 89 -2.04 -0.86 21.62
N SER A 90 -2.14 0.23 20.86
CA SER A 90 -3.34 1.04 20.90
C SER A 90 -4.60 0.22 20.61
N ILE A 91 -4.49 -0.75 19.71
CA ILE A 91 -5.65 -1.59 19.38
C ILE A 91 -5.90 -2.61 20.48
N ALA A 92 -4.83 -3.14 21.09
CA ALA A 92 -4.97 -4.15 22.14
C ALA A 92 -5.64 -3.59 23.39
N LYS A 93 -5.69 -2.26 23.52
CA LYS A 93 -6.44 -1.61 24.57
C LYS A 93 -7.92 -1.97 24.55
N HIS A 94 -8.46 -2.38 23.39
CA HIS A 94 -9.89 -2.49 23.18
C HIS A 94 -10.40 -3.90 22.91
N THR A 95 -9.52 -4.87 22.74
CA THR A 95 -9.91 -6.25 22.55
C THR A 95 -8.76 -7.11 23.00
N ASP A 96 -9.07 -8.35 23.38
CA ASP A 96 -8.03 -9.32 23.62
C ASP A 96 -7.97 -10.35 22.50
N LYS A 97 -8.80 -10.19 21.48
CA LYS A 97 -8.64 -11.00 20.29
C LYS A 97 -7.27 -10.72 19.66
N PRO A 98 -6.74 -11.69 18.93
CA PRO A 98 -5.44 -11.50 18.27
C PRO A 98 -5.43 -10.33 17.29
N ILE A 99 -4.25 -9.72 17.15
CA ILE A 99 -4.05 -8.59 16.24
C ILE A 99 -2.83 -8.86 15.35
N GLY A 100 -3.05 -8.86 14.04
CA GLY A 100 -1.97 -9.04 13.08
C GLY A 100 -1.83 -7.80 12.22
N LEU A 101 -0.60 -7.50 11.82
CA LEU A 101 -0.24 -6.21 11.25
C LEU A 101 0.75 -6.39 10.09
N LEU A 102 0.58 -5.57 9.05
CA LEU A 102 1.25 -5.73 7.77
C LEU A 102 1.34 -4.35 7.13
N ASN A 103 2.33 -4.14 6.25
CA ASN A 103 2.33 -2.89 5.50
C ASN A 103 1.11 -2.86 4.55
N ASP A 104 0.65 -1.65 4.22
CA ASP A 104 -0.61 -1.56 3.47
C ASP A 104 -0.46 -2.12 2.06
N ALA A 105 0.66 -1.82 1.39
CA ALA A 105 0.89 -2.34 0.04
C ALA A 105 1.30 -3.80 0.06
N GLN A 106 1.98 -4.26 1.13
CA GLN A 106 2.22 -5.70 1.26
C GLN A 106 0.91 -6.47 1.36
N ALA A 107 -0.05 -5.94 2.13
CA ALA A 107 -1.34 -6.61 2.26
C ALA A 107 -2.05 -6.67 0.92
N ALA A 108 -2.06 -5.56 0.18
CA ALA A 108 -2.73 -5.51 -1.12
C ALA A 108 -2.09 -6.46 -2.11
N THR A 109 -0.75 -6.52 -2.13
CA THR A 109 -0.03 -7.50 -2.94
C THR A 109 -0.49 -8.93 -2.61
N TYR A 110 -0.66 -9.24 -1.32
CA TYR A 110 -1.18 -10.55 -0.98
C TYR A 110 -2.57 -10.78 -1.56
N ALA A 111 -3.43 -9.78 -1.50
CA ALA A 111 -4.78 -9.93 -2.03
C ALA A 111 -4.75 -10.23 -3.52
N GLU A 112 -4.15 -9.32 -4.29
CA GLU A 112 -4.17 -9.44 -5.75
C GLU A 112 -3.48 -10.71 -6.21
N TYR A 113 -2.42 -11.13 -5.52
CA TYR A 113 -1.73 -12.33 -5.95
C TYR A 113 -2.63 -13.55 -5.90
N GLN A 114 -3.54 -13.60 -4.93
CA GLN A 114 -4.46 -14.74 -4.85
C GLN A 114 -5.23 -14.94 -6.13
N LEU A 115 -5.42 -13.89 -6.92
CA LEU A 115 -6.13 -13.94 -8.19
C LEU A 115 -5.23 -14.27 -9.36
N GLN A 116 -4.04 -14.78 -9.11
CA GLN A 116 -3.10 -15.07 -10.18
C GLN A 116 -3.15 -16.54 -10.56
N ASN A 117 -2.76 -16.82 -11.80
CA ASN A 117 -2.54 -18.18 -12.27
C ASN A 117 -1.25 -18.67 -11.61
N PHE A 118 -1.38 -19.29 -10.44
CA PHE A 118 -0.25 -19.43 -9.52
C PHE A 118 0.95 -20.12 -10.15
N GLU A 119 0.74 -21.03 -11.10
CA GLU A 119 1.88 -21.78 -11.60
C GLU A 119 2.68 -20.96 -12.61
N GLN A 120 2.01 -20.18 -13.46
CA GLN A 120 2.69 -19.39 -14.46
C GLN A 120 2.98 -17.95 -14.02
N VAL A 121 2.60 -17.57 -12.79
CA VAL A 121 3.01 -16.29 -12.19
C VAL A 121 3.51 -16.61 -10.79
N SER A 122 4.84 -16.68 -10.65
CA SER A 122 5.48 -16.94 -9.37
C SER A 122 6.16 -15.71 -8.79
N ASN A 123 6.53 -14.74 -9.64
CA ASN A 123 7.16 -13.48 -9.24
C ASN A 123 6.21 -12.36 -9.63
N PHE A 124 5.67 -11.68 -8.62
CA PHE A 124 4.58 -10.72 -8.78
C PHE A 124 4.80 -9.53 -7.85
N VAL A 125 4.54 -8.33 -8.38
CA VAL A 125 4.62 -7.09 -7.62
C VAL A 125 3.29 -6.36 -7.77
N PHE A 126 2.79 -5.79 -6.68
CA PHE A 126 1.68 -4.85 -6.75
C PHE A 126 2.19 -3.46 -6.38
N ILE A 127 1.83 -2.45 -7.17
CA ILE A 127 2.28 -1.07 -6.98
C ILE A 127 1.06 -0.20 -6.64
N THR A 128 1.07 0.47 -5.47
CA THR A 128 0.08 1.50 -5.17
C THR A 128 0.59 2.88 -5.53
N VAL A 129 -0.17 3.60 -6.36
CA VAL A 129 0.07 5.00 -6.62
C VAL A 129 -1.15 5.74 -6.08
N SER A 130 -1.06 6.22 -4.84
CA SER A 130 -2.19 6.87 -4.18
C SER A 130 -1.68 8.13 -3.50
N THR A 131 -1.89 8.19 -2.18
CA THR A 131 -1.31 9.26 -1.38
C THR A 131 0.20 9.25 -1.51
N GLY A 132 0.82 8.12 -1.20
CA GLY A 132 2.20 7.88 -1.50
C GLY A 132 2.33 6.91 -2.66
N VAL A 133 3.47 6.22 -2.72
CA VAL A 133 3.69 5.12 -3.64
C VAL A 133 4.22 3.95 -2.83
N GLY A 134 3.50 2.83 -2.87
CA GLY A 134 3.89 1.67 -2.11
C GLY A 134 3.96 0.44 -3.00
N GLY A 135 4.54 -0.62 -2.46
CA GLY A 135 4.59 -1.84 -3.23
C GLY A 135 4.77 -3.07 -2.36
N GLY A 136 4.44 -4.21 -2.93
CA GLY A 136 4.74 -5.49 -2.30
C GLY A 136 5.29 -6.44 -3.33
N ILE A 137 6.16 -7.33 -2.88
CA ILE A 137 6.89 -8.22 -3.76
C ILE A 137 6.62 -9.66 -3.33
N VAL A 138 6.12 -10.45 -4.28
CA VAL A 138 5.99 -11.89 -4.14
C VAL A 138 7.02 -12.56 -5.05
N LEU A 139 7.79 -13.47 -4.48
CA LEU A 139 8.88 -14.13 -5.18
C LEU A 139 8.80 -15.62 -4.86
N ASN A 140 8.68 -16.43 -5.91
CA ASN A 140 8.39 -17.85 -5.78
C ASN A 140 7.14 -18.04 -4.94
N GLN A 141 6.10 -17.29 -5.33
CA GLN A 141 4.78 -17.21 -4.67
C GLN A 141 4.87 -16.95 -3.15
N ILE A 142 5.96 -16.34 -2.68
CA ILE A 142 6.07 -15.95 -1.27
C ILE A 142 6.14 -14.43 -1.16
N LEU A 143 5.31 -13.86 -0.30
CA LEU A 143 5.37 -12.43 -0.01
C LEU A 143 6.62 -12.14 0.79
N GLN A 144 7.47 -11.26 0.27
CA GLN A 144 8.59 -10.72 1.02
C GLN A 144 8.11 -9.66 2.01
N THR A 145 8.56 -9.76 3.25
CA THR A 145 8.45 -8.66 4.21
C THR A 145 9.80 -8.14 4.67
N GLY A 146 10.77 -9.03 4.85
CA GLY A 146 12.06 -8.67 5.39
C GLY A 146 12.12 -8.90 6.89
N SER A 147 13.35 -8.87 7.40
CA SER A 147 13.58 -8.97 8.85
C SER A 147 12.95 -7.79 9.59
N ARG A 148 12.78 -6.65 8.91
CA ARG A 148 12.30 -5.45 9.54
C ARG A 148 11.02 -4.93 8.92
N GLY A 149 10.41 -5.70 8.02
CA GLY A 149 9.19 -5.26 7.36
C GLY A 149 9.38 -4.22 6.29
N ILE A 150 10.59 -4.04 5.79
CA ILE A 150 10.85 -2.98 4.83
C ILE A 150 10.58 -3.39 3.39
N ALA A 151 10.73 -4.68 3.07
CA ALA A 151 10.67 -5.13 1.69
C ALA A 151 9.39 -4.67 0.99
N GLY A 152 9.55 -4.03 -0.16
CA GLY A 152 8.43 -3.51 -0.90
C GLY A 152 8.36 -2.00 -0.96
N HIS A 153 9.20 -1.28 -0.21
CA HIS A 153 9.08 0.18 -0.17
C HIS A 153 9.69 0.79 -1.44
N ILE A 154 9.13 0.34 -2.56
CA ILE A 154 9.60 0.73 -3.88
C ILE A 154 9.30 2.18 -4.21
N GLY A 155 8.47 2.86 -3.42
CA GLY A 155 8.23 4.28 -3.64
C GLY A 155 9.42 5.16 -3.30
N HIS A 156 10.37 4.63 -2.55
CA HIS A 156 11.53 5.36 -2.09
C HIS A 156 12.82 4.82 -2.72
N THR A 157 12.69 4.21 -3.90
CA THR A 157 13.80 4.01 -4.82
C THR A 157 13.91 5.20 -5.76
N LEU A 158 15.07 5.31 -6.38
CA LEU A 158 15.44 6.48 -7.17
C LEU A 158 14.63 6.56 -8.46
N ALA A 159 13.93 7.68 -8.64
CA ALA A 159 13.35 8.12 -9.89
C ALA A 159 14.17 9.19 -10.59
N ASP A 160 14.85 10.07 -9.83
CA ASP A 160 15.63 11.16 -10.42
C ASP A 160 16.57 11.81 -9.41
N PRO A 161 17.89 11.63 -9.57
CA PRO A 161 18.85 12.22 -8.62
C PRO A 161 18.87 13.75 -8.62
N ASN A 162 18.11 14.40 -9.49
CA ASN A 162 17.97 15.85 -9.48
C ASN A 162 16.53 16.27 -9.25
N GLY A 163 15.69 15.38 -8.73
CA GLY A 163 14.29 15.69 -8.48
C GLY A 163 14.07 16.23 -7.07
N ALA A 164 12.80 16.39 -6.73
CA ALA A 164 12.43 16.93 -5.42
C ALA A 164 13.01 16.05 -4.32
N ILE A 165 13.30 16.68 -3.18
CA ILE A 165 13.58 15.95 -1.95
C ILE A 165 12.30 15.26 -1.47
N CYS A 166 12.41 13.97 -1.18
CA CYS A 166 11.28 13.23 -0.64
C CYS A 166 11.09 13.58 0.82
N GLY A 167 9.86 13.41 1.31
CA GLY A 167 9.58 13.56 2.72
C GLY A 167 10.28 12.54 3.61
N CYS A 168 10.89 11.50 3.01
CA CYS A 168 11.67 10.54 3.79
C CYS A 168 13.06 11.06 4.11
N GLY A 169 13.49 12.15 3.46
CA GLY A 169 14.83 12.69 3.57
C GLY A 169 15.72 12.44 2.37
N ARG A 170 15.37 11.47 1.52
CA ARG A 170 16.13 11.16 0.31
C ARG A 170 15.71 12.07 -0.85
N ARG A 171 16.67 12.35 -1.74
CA ARG A 171 16.37 13.13 -2.94
C ARG A 171 15.90 12.24 -4.06
N GLY A 172 14.79 12.63 -4.71
CA GLY A 172 14.39 12.04 -5.96
C GLY A 172 13.68 10.72 -5.86
N CYS A 173 13.04 10.42 -4.75
CA CYS A 173 12.29 9.16 -4.66
C CYS A 173 11.18 9.14 -5.70
N VAL A 174 10.83 7.93 -6.14
CA VAL A 174 9.66 7.76 -7.01
C VAL A 174 8.45 8.46 -6.42
N GLU A 175 8.23 8.26 -5.11
CA GLU A 175 7.08 8.90 -4.45
C GLU A 175 7.15 10.43 -4.51
N ALA A 176 8.38 10.99 -4.46
CA ALA A 176 8.54 12.44 -4.53
C ALA A 176 8.19 13.02 -5.89
N ILE A 177 8.01 12.17 -6.91
CA ILE A 177 7.77 12.60 -8.29
C ILE A 177 6.42 12.12 -8.81
N ALA A 178 5.98 10.92 -8.44
CA ALA A 178 4.85 10.27 -9.08
C ALA A 178 3.56 10.27 -8.27
N SER A 179 3.63 10.47 -6.95
CA SER A 179 2.51 10.21 -6.05
C SER A 179 1.41 11.26 -6.19
N GLY A 180 0.26 10.94 -5.59
CA GLY A 180 -0.78 11.95 -5.43
C GLY A 180 -0.24 13.21 -4.76
N ARG A 181 0.43 13.04 -3.61
CA ARG A 181 1.01 14.20 -2.92
C ARG A 181 1.95 14.97 -3.84
N ALA A 182 2.78 14.27 -4.61
CA ALA A 182 3.71 14.95 -5.50
C ALA A 182 2.99 15.64 -6.64
N ILE A 183 1.88 15.07 -7.13
CA ILE A 183 1.18 15.69 -8.24
C ILE A 183 0.54 17.01 -7.82
N GLU A 184 -0.20 16.99 -6.71
CA GLU A 184 -0.89 18.21 -6.30
C GLU A 184 0.03 19.20 -5.58
N ALA A 185 1.29 18.83 -5.32
CA ALA A 185 2.25 19.77 -4.73
C ALA A 185 2.76 20.78 -5.76
N VAL A 186 2.52 20.54 -7.04
CA VAL A 186 3.02 21.40 -8.11
C VAL A 186 1.86 22.21 -8.68
N SER A 187 0.67 21.59 -8.72
CA SER A 187 -0.52 22.19 -9.34
C SER A 187 -1.04 23.41 -8.57
N SER A 188 -0.41 23.78 -7.46
CA SER A 188 -0.84 24.88 -6.60
C SER A 188 0.05 26.13 -6.74
N ALA A 210 -1.32 20.35 -15.44
CA ALA A 210 -1.77 20.03 -16.78
C ALA A 210 -1.70 18.53 -17.00
N THR A 211 -1.89 18.15 -18.25
CA THR A 211 -1.62 16.77 -18.63
C THR A 211 -0.17 16.42 -18.35
N ALA A 212 0.76 17.32 -18.67
CA ALA A 212 2.20 17.05 -18.51
C ALA A 212 2.55 16.59 -17.09
N LEU A 213 1.76 16.99 -16.10
CA LEU A 213 2.03 16.52 -14.75
C LEU A 213 1.77 15.02 -14.63
N VAL A 214 0.67 14.54 -15.21
CA VAL A 214 0.32 13.14 -15.07
C VAL A 214 1.32 12.26 -15.81
N GLU A 215 1.80 12.75 -16.96
CA GLU A 215 2.80 12.05 -17.75
C GLU A 215 4.09 11.83 -16.97
N ARG A 216 4.59 12.89 -16.31
CA ARG A 216 5.80 12.74 -15.50
C ARG A 216 5.60 11.68 -14.43
N SER A 217 4.40 11.62 -13.87
CA SER A 217 4.14 10.60 -12.87
C SER A 217 4.15 9.20 -13.49
N ALA A 218 3.54 9.07 -14.68
CA ALA A 218 3.42 7.77 -15.33
C ALA A 218 4.77 7.28 -15.83
N LYS A 219 5.55 8.17 -16.43
CA LYS A 219 6.89 7.81 -16.88
C LYS A 219 7.74 7.29 -15.72
N ALA A 220 7.73 8.00 -14.59
CA ALA A 220 8.47 7.53 -13.42
C ALA A 220 8.03 6.15 -12.97
N ILE A 221 6.72 5.84 -13.11
CA ILE A 221 6.22 4.53 -12.70
C ILE A 221 6.63 3.47 -13.71
N ALA A 222 6.73 3.82 -14.99
CA ALA A 222 7.20 2.85 -15.98
C ALA A 222 8.68 2.52 -15.75
N ASN A 223 9.49 3.51 -15.38
CA ASN A 223 10.86 3.24 -15.00
C ASN A 223 10.93 2.31 -13.80
N LEU A 224 10.03 2.51 -12.83
CA LEU A 224 10.02 1.63 -11.68
C LEU A 224 9.64 0.20 -12.07
N ILE A 225 8.69 0.06 -12.99
CA ILE A 225 8.29 -1.25 -13.48
C ILE A 225 9.46 -1.93 -14.21
N ALA A 226 10.08 -1.23 -15.15
CA ALA A 226 11.27 -1.75 -15.81
C ALA A 226 12.30 -2.22 -14.77
N ASP A 227 12.57 -1.38 -13.76
CA ASP A 227 13.52 -1.70 -12.69
C ASP A 227 13.16 -3.03 -12.02
N LEU A 228 11.90 -3.20 -11.63
CA LEU A 228 11.54 -4.39 -10.88
C LEU A 228 11.60 -5.62 -11.77
N VAL A 229 11.38 -5.45 -13.07
CA VAL A 229 11.41 -6.58 -13.97
C VAL A 229 12.84 -7.08 -14.16
N ILE A 230 13.76 -6.16 -14.44
CA ILE A 230 15.13 -6.56 -14.76
C ILE A 230 15.88 -7.01 -13.52
N SER A 231 15.44 -6.54 -12.33
CA SER A 231 16.11 -6.80 -11.07
C SER A 231 15.62 -8.07 -10.41
N LEU A 232 14.34 -8.37 -10.53
CA LEU A 232 13.75 -9.49 -9.82
C LEU A 232 13.06 -10.49 -10.74
N ASP A 233 13.11 -10.30 -12.06
CA ASP A 233 12.44 -11.18 -13.03
C ASP A 233 10.95 -11.30 -12.68
N ILE A 234 10.33 -10.15 -12.44
CA ILE A 234 8.90 -10.12 -12.12
C ILE A 234 8.11 -10.51 -13.37
N GLN A 235 7.12 -11.38 -13.19
CA GLN A 235 6.36 -11.84 -14.34
C GLN A 235 5.07 -11.06 -14.55
N LYS A 236 4.50 -10.47 -13.49
CA LYS A 236 3.27 -9.71 -13.62
C LYS A 236 3.20 -8.63 -12.54
N ILE A 237 2.57 -7.52 -12.89
CA ILE A 237 2.45 -6.38 -12.00
C ILE A 237 1.01 -5.91 -12.02
N ALA A 238 0.42 -5.77 -10.83
CA ALA A 238 -0.89 -5.17 -10.66
C ALA A 238 -0.73 -3.77 -10.08
N ILE A 239 -1.50 -2.82 -10.61
CA ILE A 239 -1.47 -1.43 -10.19
C ILE A 239 -2.75 -1.08 -9.44
N GLY A 240 -2.59 -0.33 -8.36
CA GLY A 240 -3.72 0.00 -7.49
C GLY A 240 -3.68 1.44 -7.09
N GLY A 241 -4.43 1.79 -6.04
CA GLY A 241 -4.42 3.11 -5.47
C GLY A 241 -5.22 4.11 -6.28
N SER A 242 -5.51 5.25 -5.64
CA SER A 242 -6.35 6.27 -6.24
C SER A 242 -5.76 6.79 -7.54
N VAL A 243 -4.44 7.00 -7.60
CA VAL A 243 -3.87 7.45 -8.87
C VAL A 243 -3.77 6.30 -9.85
N GLY A 244 -3.34 5.12 -9.36
CA GLY A 244 -3.10 4.01 -10.25
C GLY A 244 -4.37 3.58 -10.98
N LEU A 245 -5.48 3.45 -10.25
CA LEU A 245 -6.76 3.07 -10.83
C LEU A 245 -7.42 4.20 -11.62
N ALA A 246 -6.83 5.40 -11.66
CA ALA A 246 -7.47 6.53 -12.31
C ALA A 246 -7.61 6.29 -13.81
N GLU A 247 -8.84 6.46 -14.28
CA GLU A 247 -9.19 6.36 -15.69
C GLU A 247 -8.12 6.95 -16.58
N GLY A 248 -7.42 6.10 -17.32
CA GLY A 248 -6.41 6.54 -18.27
C GLY A 248 -4.98 6.37 -17.79
N TYR A 249 -4.75 6.24 -16.48
CA TYR A 249 -3.39 6.18 -15.97
C TYR A 249 -2.66 4.95 -16.48
N LEU A 250 -3.29 3.78 -16.31
CA LEU A 250 -2.64 2.53 -16.71
C LEU A 250 -2.17 2.58 -18.15
N SER A 251 -3.03 3.08 -19.05
CA SER A 251 -2.67 3.17 -20.47
C SER A 251 -1.50 4.13 -20.69
N LEU A 252 -1.38 5.15 -19.84
CA LEU A 252 -0.25 6.06 -19.96
C LEU A 252 1.05 5.38 -19.51
N VAL A 253 0.98 4.57 -18.46
CA VAL A 253 2.14 3.82 -18.02
C VAL A 253 2.52 2.80 -19.08
N GLU A 254 1.52 2.14 -19.67
CA GLU A 254 1.77 1.21 -20.77
C GLU A 254 2.46 1.90 -21.94
N LYS A 255 2.03 3.12 -22.27
CA LYS A 255 2.65 3.82 -23.40
C LYS A 255 4.12 4.10 -23.12
N TYR A 256 4.46 4.45 -21.87
CA TYR A 256 5.86 4.71 -21.55
C TYR A 256 6.68 3.42 -21.49
N LEU A 257 6.06 2.29 -21.14
CA LEU A 257 6.77 1.01 -21.10
C LEU A 257 7.21 0.52 -22.49
N GLN A 258 6.59 0.96 -23.57
CA GLN A 258 7.06 0.47 -24.86
C GLN A 258 8.17 1.32 -25.46
N ASP A 259 8.63 2.34 -24.75
CA ASP A 259 9.92 2.93 -25.12
C ASP A 259 11.08 2.05 -24.69
N PHE A 260 10.85 1.10 -23.87
CA PHE A 260 11.97 0.31 -23.38
C PHE A 260 12.24 -0.87 -24.31
N PRO A 261 13.46 -1.38 -24.36
CA PRO A 261 13.66 -2.70 -24.97
C PRO A 261 12.67 -3.69 -24.39
N SER A 262 12.24 -4.65 -25.20
CA SER A 262 11.14 -5.51 -24.78
C SER A 262 11.47 -6.35 -23.55
N ILE A 263 12.76 -6.54 -23.26
CA ILE A 263 13.14 -7.32 -22.08
C ILE A 263 12.58 -6.68 -20.82
N TYR A 264 12.41 -5.35 -20.81
CA TYR A 264 11.90 -4.66 -19.64
C TYR A 264 10.38 -4.68 -19.54
N CYS A 265 9.69 -5.07 -20.59
CA CYS A 265 8.23 -5.07 -20.60
C CYS A 265 7.69 -6.23 -19.76
N CYS A 266 6.53 -6.02 -19.16
CA CYS A 266 5.73 -7.13 -18.67
C CYS A 266 4.28 -6.68 -18.68
N GLU A 267 3.37 -7.63 -18.47
CA GLU A 267 1.96 -7.29 -18.52
C GLU A 267 1.53 -6.62 -17.22
N ILE A 268 0.82 -5.50 -17.36
CA ILE A 268 0.33 -4.66 -16.28
C ILE A 268 -1.19 -4.65 -16.32
N GLU A 269 -1.83 -4.98 -15.20
CA GLU A 269 -3.28 -4.87 -15.10
C GLU A 269 -3.64 -4.14 -13.83
N THR A 270 -4.82 -3.54 -13.82
CA THR A 270 -5.30 -2.84 -12.63
C THR A 270 -5.62 -3.85 -11.54
N ALA A 271 -5.44 -3.41 -10.29
CA ALA A 271 -5.78 -4.23 -9.14
C ALA A 271 -7.27 -4.54 -9.16
N LYS A 272 -7.62 -5.80 -8.97
CA LYS A 272 -9.03 -6.16 -9.15
C LYS A 272 -9.87 -6.01 -7.89
N PHE A 273 -9.24 -6.06 -6.71
CA PHE A 273 -9.93 -5.71 -5.48
C PHE A 273 -10.02 -4.21 -5.27
N GLY A 274 -9.40 -3.42 -6.15
CA GLY A 274 -9.47 -1.97 -6.03
C GLY A 274 -9.01 -1.48 -4.66
N GLN A 275 -9.81 -0.61 -4.06
CA GLN A 275 -9.52 -0.02 -2.76
C GLN A 275 -9.77 -0.96 -1.59
N ASP A 276 -10.23 -2.18 -1.83
CA ASP A 276 -10.43 -3.17 -0.77
C ASP A 276 -9.29 -4.16 -0.66
N ALA A 277 -8.25 -4.00 -1.46
CA ALA A 277 -7.20 -5.02 -1.51
C ALA A 277 -6.43 -5.09 -0.20
N GLY A 278 -6.28 -3.96 0.49
CA GLY A 278 -5.60 -3.98 1.77
C GLY A 278 -6.40 -4.69 2.84
N LEU A 279 -7.71 -4.40 2.89
CA LEU A 279 -8.59 -5.06 3.85
C LEU A 279 -8.55 -6.58 3.68
N ILE A 280 -8.88 -7.05 2.48
CA ILE A 280 -8.90 -8.49 2.21
C ILE A 280 -7.51 -9.10 2.37
N GLY A 281 -6.48 -8.44 1.83
CA GLY A 281 -5.13 -8.95 1.97
C GLY A 281 -4.71 -9.14 3.42
N ALA A 282 -4.83 -8.09 4.23
CA ALA A 282 -4.55 -8.19 5.65
C ALA A 282 -5.42 -9.27 6.30
N ALA A 283 -6.71 -9.28 5.97
CA ALA A 283 -7.59 -10.29 6.56
C ALA A 283 -7.09 -11.68 6.24
N TYR A 284 -6.81 -11.95 4.96
CA TYR A 284 -6.39 -13.28 4.54
C TYR A 284 -4.94 -13.57 4.96
N TRP A 285 -4.07 -12.56 4.95
CA TRP A 285 -2.68 -12.80 5.34
C TRP A 285 -2.57 -13.13 6.82
N VAL A 286 -3.26 -12.39 7.68
CA VAL A 286 -3.19 -12.68 9.11
C VAL A 286 -3.67 -14.09 9.40
N LYS A 287 -4.76 -14.50 8.75
CA LYS A 287 -5.26 -15.87 8.88
C LYS A 287 -4.25 -16.90 8.36
N ASP A 288 -3.71 -16.68 7.15
CA ASP A 288 -2.97 -17.70 6.40
C ASP A 288 -1.54 -17.91 6.89
N VAL A 289 -1.00 -17.02 7.71
CA VAL A 289 0.16 -17.34 8.55
C VAL A 289 -0.31 -17.18 9.99
N LEU A 290 -0.97 -18.25 10.48
CA LEU A 290 -1.91 -18.26 11.60
C LEU A 290 -1.61 -17.23 12.67
C1 BM3 B . 4.80 5.71 1.96
O1 BM3 B . 5.69 5.70 0.95
C2 BM3 B . 5.13 4.67 3.03
N2 BM3 B . 4.28 5.11 4.18
C7 BM3 B . 4.82 5.95 5.25
O7 BM3 B . 5.96 6.29 5.22
C8 BM3 B . 3.90 6.39 6.39
C3 BM3 B . 4.82 3.27 2.63
O3 BM3 B . 4.94 2.40 3.79
C4 BM3 B . 3.43 3.15 2.10
O4 BM3 B . 3.19 1.83 1.58
C5 BM3 B . 3.17 4.13 0.96
C6 BM3 B . 1.76 3.97 0.49
O6 BM3 B . 0.91 3.66 1.57
O5 BM3 B . 3.42 5.51 1.42
ZN ZN C . 11.34 8.82 -0.19
#